data_1M26
#
_entry.id   1M26
#
_cell.length_a   58.92
_cell.length_b   78.00
_cell.length_c   67.91
_cell.angle_alpha   90.00
_cell.angle_beta   100.73
_cell.angle_gamma   90.00
#
_symmetry.space_group_name_H-M   'P 1 21 1'
#
loop_
_entity.id
_entity.type
_entity.pdbx_description
1 polymer 'Jacalin, alpha chain'
2 polymer 'Jacalin, beta chain'
3 branched beta-D-galactopyranose-(1-3)-2-acetamido-2-deoxy-alpha-D-galactopyranose
4 water water
#
loop_
_entity_poly.entity_id
_entity_poly.type
_entity_poly.pdbx_seq_one_letter_code
_entity_poly.pdbx_strand_id
1 'polypeptide(L)'
;GKAFDDGAFTGIREINLSYNKETAIGDFQVVYDLNGSPYVGQNHKSFITGFTPVKISLDFPSEYIMEVSGYTGNVSGYVV
VRSLTFKTNKKTYGPYGVTSGTPFNLPIENGLIVGFKGSIGYWLDYFSMYLSL
;
A,C,E,G
2 'polypeptide(L)' SGISQTVIVGPWGAKSA B,D,F,H
#
loop_
_chem_comp.id
_chem_comp.type
_chem_comp.name
_chem_comp.formula
A2G D-saccharide, alpha linking 2-acetamido-2-deoxy-alpha-D-galactopyranose 'C8 H15 N O6'
GAL D-saccharide, beta linking beta-D-galactopyranose 'C6 H12 O6'
#
# COMPACT_ATOMS: atom_id res chain seq x y z
N GLY A 1 4.49 20.39 -24.66
CA GLY A 1 3.72 21.10 -23.61
C GLY A 1 4.49 21.22 -22.32
N LYS A 2 3.87 21.83 -21.30
CA LYS A 2 4.52 22.00 -20.01
C LYS A 2 4.07 20.87 -19.08
N ALA A 3 5.04 20.12 -18.56
CA ALA A 3 4.72 19.01 -17.68
C ALA A 3 4.28 19.47 -16.30
N PHE A 4 3.41 18.69 -15.68
CA PHE A 4 2.97 18.99 -14.33
C PHE A 4 2.83 17.68 -13.56
N ASP A 5 2.90 17.77 -12.24
CA ASP A 5 2.80 16.59 -11.39
C ASP A 5 2.34 17.05 -10.02
N ASP A 6 1.06 16.87 -9.73
CA ASP A 6 0.50 17.30 -8.45
C ASP A 6 0.96 16.43 -7.29
N GLY A 7 1.21 15.15 -7.57
CA GLY A 7 1.62 14.24 -6.53
C GLY A 7 0.42 13.50 -5.97
N ALA A 8 0.60 12.83 -4.84
CA ALA A 8 -0.47 12.05 -4.21
C ALA A 8 -1.08 12.73 -3.01
N PHE A 9 -2.39 12.57 -2.86
CA PHE A 9 -3.11 13.18 -1.76
C PHE A 9 -4.00 12.15 -1.08
N THR A 10 -4.98 12.61 -0.30
CA THR A 10 -5.90 11.74 0.43
C THR A 10 -7.16 11.41 -0.34
N GLY A 11 -7.51 12.26 -1.31
CA GLY A 11 -8.71 12.03 -2.08
C GLY A 11 -8.95 13.21 -3.00
N ILE A 12 -10.08 13.19 -3.69
CA ILE A 12 -10.42 14.26 -4.61
C ILE A 12 -11.74 14.88 -4.23
N ARG A 13 -11.76 16.20 -4.21
CA ARG A 13 -12.95 16.95 -3.84
C ARG A 13 -13.64 17.61 -5.02
N GLU A 14 -12.85 18.16 -5.93
CA GLU A 14 -13.42 18.84 -7.08
C GLU A 14 -12.40 18.90 -8.21
N ILE A 15 -12.89 18.84 -9.44
CA ILE A 15 -12.03 18.91 -10.61
C ILE A 15 -12.54 20.05 -11.47
N ASN A 16 -11.64 20.94 -11.87
CA ASN A 16 -11.99 22.07 -12.72
C ASN A 16 -11.20 21.92 -14.02
N LEU A 17 -11.92 21.79 -15.12
CA LEU A 17 -11.24 21.63 -16.40
C LEU A 17 -11.93 22.50 -17.44
N SER A 18 -11.31 22.63 -18.59
CA SER A 18 -11.92 23.41 -19.66
C SER A 18 -11.76 22.61 -20.94
N TYR A 19 -12.64 22.84 -21.90
CA TYR A 19 -12.58 22.10 -23.15
C TYR A 19 -13.13 22.96 -24.27
N ASN A 20 -12.94 22.50 -25.50
CA ASN A 20 -13.45 23.18 -26.69
C ASN A 20 -14.04 22.04 -27.51
N LYS A 21 -15.34 22.16 -27.83
CA LYS A 21 -16.06 21.13 -28.59
C LYS A 21 -15.54 20.88 -30.02
N GLU A 22 -14.53 21.64 -30.43
CA GLU A 22 -13.96 21.48 -31.77
C GLU A 22 -12.53 20.97 -31.71
N THR A 23 -11.93 21.03 -30.53
CA THR A 23 -10.56 20.57 -30.42
C THR A 23 -10.27 19.53 -29.36
N ALA A 24 -9.97 19.98 -28.15
CA ALA A 24 -9.60 19.05 -27.09
C ALA A 24 -9.71 19.62 -25.68
N ILE A 25 -9.18 18.89 -24.70
CA ILE A 25 -9.20 19.35 -23.33
C ILE A 25 -8.14 20.43 -23.15
N GLY A 26 -8.45 21.48 -22.39
CA GLY A 26 -7.51 22.55 -22.16
C GLY A 26 -6.94 22.62 -20.76
N ASP A 27 -7.49 23.49 -19.92
CA ASP A 27 -7.02 23.66 -18.54
C ASP A 27 -7.43 22.50 -17.64
N PHE A 28 -6.62 22.23 -16.61
CA PHE A 28 -6.90 21.14 -15.69
C PHE A 28 -6.46 21.56 -14.28
N GLN A 29 -7.36 21.48 -13.31
CA GLN A 29 -7.04 21.85 -11.94
C GLN A 29 -7.85 20.96 -11.01
N VAL A 30 -7.25 20.61 -9.88
CA VAL A 30 -7.92 19.72 -8.94
C VAL A 30 -7.90 20.23 -7.51
N VAL A 31 -9.03 20.12 -6.82
CA VAL A 31 -9.01 20.46 -5.41
C VAL A 31 -9.00 19.08 -4.78
N TYR A 32 -7.88 18.74 -4.15
CA TYR A 32 -7.73 17.45 -3.51
C TYR A 32 -8.15 17.55 -2.05
N ASP A 33 -8.13 16.40 -1.38
CA ASP A 33 -8.37 16.41 0.04
C ASP A 33 -7.00 16.09 0.59
N LEU A 34 -6.60 16.77 1.66
CA LEU A 34 -5.31 16.50 2.29
C LEU A 34 -5.60 16.30 3.76
N ASN A 35 -5.81 15.04 4.14
CA ASN A 35 -6.09 14.69 5.52
C ASN A 35 -7.26 15.48 6.12
N GLY A 36 -8.32 15.63 5.33
CA GLY A 36 -9.51 16.31 5.81
C GLY A 36 -9.65 17.77 5.42
N SER A 37 -8.61 18.35 4.85
CA SER A 37 -8.68 19.74 4.46
C SER A 37 -8.58 19.89 2.94
N PRO A 38 -9.36 20.80 2.36
CA PRO A 38 -9.28 20.97 0.92
C PRO A 38 -7.89 21.49 0.57
N TYR A 39 -7.28 20.91 -0.46
CA TYR A 39 -5.98 21.36 -0.92
C TYR A 39 -6.19 21.89 -2.33
N VAL A 40 -6.05 23.20 -2.50
CA VAL A 40 -6.25 23.80 -3.81
C VAL A 40 -5.03 23.57 -4.69
N GLY A 41 -5.18 22.68 -5.66
CA GLY A 41 -4.07 22.39 -6.56
C GLY A 41 -3.79 23.51 -7.52
N GLN A 42 -2.59 23.49 -8.08
CA GLN A 42 -2.18 24.51 -9.05
C GLN A 42 -3.05 24.40 -10.29
N ASN A 43 -3.41 25.53 -10.88
CA ASN A 43 -4.20 25.49 -12.09
C ASN A 43 -3.23 25.29 -13.25
N HIS A 44 -3.34 24.16 -13.95
CA HIS A 44 -2.49 23.84 -15.08
C HIS A 44 -3.24 24.32 -16.28
N LYS A 45 -2.70 25.41 -16.76
CA LYS A 45 -3.30 26.18 -17.78
C LYS A 45 -2.84 25.98 -19.23
N SER A 46 -3.77 25.94 -20.19
CA SER A 46 -3.43 25.78 -21.60
C SER A 46 -2.64 27.01 -22.05
N PHE A 47 -1.81 26.89 -23.07
CA PHE A 47 -1.05 28.04 -23.57
C PHE A 47 -1.98 29.03 -24.28
N ILE A 48 -3.14 28.56 -24.70
CA ILE A 48 -4.09 29.42 -25.42
C ILE A 48 -5.44 29.60 -24.73
N THR A 49 -6.26 30.48 -25.30
CA THR A 49 -7.59 30.78 -24.77
C THR A 49 -8.71 30.25 -25.65
N GLY A 50 -9.94 30.49 -25.21
CA GLY A 50 -11.10 30.07 -25.97
C GLY A 50 -11.82 28.83 -25.49
N PHE A 51 -11.46 28.33 -24.32
CA PHE A 51 -12.08 27.13 -23.77
C PHE A 51 -13.31 27.43 -22.93
N THR A 52 -14.07 26.38 -22.67
CA THR A 52 -15.29 26.44 -21.87
C THR A 52 -15.03 25.75 -20.53
N PRO A 53 -15.26 26.44 -19.41
CA PRO A 53 -15.04 25.89 -18.07
C PRO A 53 -16.09 24.89 -17.61
N VAL A 54 -15.66 23.93 -16.80
CA VAL A 54 -16.54 22.92 -16.25
C VAL A 54 -16.05 22.65 -14.84
N LYS A 55 -16.98 22.61 -13.90
CA LYS A 55 -16.61 22.35 -12.51
C LYS A 55 -17.32 21.08 -12.07
N ILE A 56 -16.52 20.08 -11.69
CA ILE A 56 -17.02 18.80 -11.23
C ILE A 56 -16.84 18.76 -9.71
N SER A 57 -17.92 19.03 -8.98
CA SER A 57 -17.89 19.04 -7.51
C SER A 57 -18.41 17.73 -6.97
N LEU A 58 -17.55 16.98 -6.30
CA LEU A 58 -17.97 15.70 -5.75
C LEU A 58 -18.39 15.80 -4.31
N ASP A 59 -19.30 14.91 -3.91
CA ASP A 59 -19.75 14.88 -2.54
C ASP A 59 -18.72 14.04 -1.81
N PHE A 60 -17.50 14.58 -1.71
CA PHE A 60 -16.41 13.92 -1.01
C PHE A 60 -17.09 13.77 0.35
N PRO A 61 -16.89 12.66 1.04
CA PRO A 61 -16.23 11.35 1.10
C PRO A 61 -17.04 10.21 0.51
N SER A 62 -18.36 10.39 0.44
CA SER A 62 -19.22 9.33 -0.08
C SER A 62 -19.12 9.15 -1.59
N GLU A 63 -18.85 10.23 -2.32
CA GLU A 63 -18.72 10.15 -3.77
C GLU A 63 -17.26 10.13 -4.18
N TYR A 64 -16.92 9.17 -5.03
CA TYR A 64 -15.56 9.02 -5.52
C TYR A 64 -15.57 8.41 -6.91
N ILE A 65 -14.56 8.75 -7.70
CA ILE A 65 -14.44 8.28 -9.08
C ILE A 65 -14.17 6.78 -9.17
N MET A 66 -14.94 6.09 -10.01
CA MET A 66 -14.80 4.65 -10.22
C MET A 66 -14.24 4.33 -11.60
N GLU A 67 -14.34 5.29 -12.52
CA GLU A 67 -13.81 5.07 -13.86
C GLU A 67 -13.52 6.37 -14.59
N VAL A 68 -12.40 6.39 -15.29
CA VAL A 68 -11.99 7.54 -16.10
C VAL A 68 -11.84 7.02 -17.52
N SER A 69 -12.49 7.68 -18.47
CA SER A 69 -12.37 7.25 -19.86
C SER A 69 -12.29 8.48 -20.72
N GLY A 70 -11.92 8.29 -21.98
CA GLY A 70 -11.79 9.42 -22.87
C GLY A 70 -11.30 8.99 -24.22
N TYR A 71 -10.89 9.96 -25.01
CA TYR A 71 -10.39 9.69 -26.36
C TYR A 71 -9.11 10.48 -26.58
N THR A 72 -8.18 9.90 -27.33
CA THR A 72 -6.95 10.61 -27.67
C THR A 72 -7.01 10.69 -29.19
N GLY A 73 -6.67 11.86 -29.73
CA GLY A 73 -6.75 12.01 -31.16
C GLY A 73 -5.84 13.08 -31.71
N ASN A 74 -5.88 13.23 -33.02
CA ASN A 74 -5.05 14.20 -33.72
C ASN A 74 -5.73 15.54 -33.89
N VAL A 75 -5.06 16.60 -33.46
CA VAL A 75 -5.55 17.97 -33.57
C VAL A 75 -4.39 18.82 -34.08
N SER A 76 -4.50 19.32 -35.32
CA SER A 76 -3.44 20.15 -35.89
C SER A 76 -2.10 19.40 -35.93
N GLY A 77 -2.16 18.08 -36.02
CA GLY A 77 -0.94 17.30 -36.07
C GLY A 77 -0.44 16.85 -34.70
N TYR A 78 -1.00 17.41 -33.63
CA TYR A 78 -0.61 17.04 -32.28
C TYR A 78 -1.55 15.97 -31.76
N VAL A 79 -1.01 14.91 -31.15
CA VAL A 79 -1.86 13.88 -30.58
C VAL A 79 -2.10 14.32 -29.14
N VAL A 80 -3.37 14.48 -28.78
CA VAL A 80 -3.73 14.96 -27.45
C VAL A 80 -4.95 14.25 -26.91
N VAL A 81 -5.31 14.54 -25.66
CA VAL A 81 -6.49 13.95 -25.04
C VAL A 81 -7.65 14.85 -25.45
N ARG A 82 -8.52 14.33 -26.31
CA ARG A 82 -9.63 15.13 -26.83
C ARG A 82 -10.89 15.17 -25.99
N SER A 83 -11.11 14.13 -25.21
CA SER A 83 -12.30 14.05 -24.38
C SER A 83 -12.02 13.32 -23.09
N LEU A 84 -12.79 13.65 -22.06
CA LEU A 84 -12.64 13.02 -20.77
C LEU A 84 -14.02 12.84 -20.15
N THR A 85 -14.20 11.71 -19.48
CA THR A 85 -15.45 11.37 -18.79
C THR A 85 -15.09 10.81 -17.43
N PHE A 86 -15.80 11.24 -16.39
CA PHE A 86 -15.53 10.73 -15.05
C PHE A 86 -16.82 10.09 -14.55
N LYS A 87 -16.71 8.83 -14.15
CA LYS A 87 -17.86 8.12 -13.62
C LYS A 87 -17.63 7.87 -12.15
N THR A 88 -18.57 8.30 -11.31
CA THR A 88 -18.44 8.06 -9.88
C THR A 88 -19.48 7.05 -9.47
N ASN A 89 -19.54 6.74 -8.18
CA ASN A 89 -20.52 5.78 -7.70
C ASN A 89 -21.90 6.41 -7.65
N LYS A 90 -21.96 7.71 -7.97
CA LYS A 90 -23.23 8.42 -7.96
C LYS A 90 -23.72 8.95 -9.29
N LYS A 91 -22.81 9.33 -10.17
CA LYS A 91 -23.26 9.99 -11.39
C LYS A 91 -22.11 9.99 -12.42
N THR A 92 -22.43 10.30 -13.68
CA THR A 92 -21.42 10.35 -14.73
C THR A 92 -21.28 11.81 -15.14
N TYR A 93 -20.04 12.29 -15.14
CA TYR A 93 -19.77 13.66 -15.53
C TYR A 93 -19.06 13.59 -16.85
N GLY A 94 -19.70 14.12 -17.88
CA GLY A 94 -19.08 14.08 -19.18
C GLY A 94 -19.93 13.33 -20.17
N PRO A 95 -19.42 13.13 -21.38
CA PRO A 95 -18.14 13.53 -21.97
C PRO A 95 -17.90 15.02 -22.18
N TYR A 96 -16.67 15.46 -21.97
CA TYR A 96 -16.28 16.84 -22.17
C TYR A 96 -15.26 16.81 -23.30
N GLY A 97 -15.45 17.66 -24.30
CA GLY A 97 -14.52 17.67 -25.41
C GLY A 97 -15.10 16.94 -26.61
N VAL A 98 -14.22 16.34 -27.42
CA VAL A 98 -14.63 15.65 -28.62
C VAL A 98 -14.42 14.14 -28.51
N THR A 99 -15.51 13.38 -28.58
CA THR A 99 -15.43 11.93 -28.47
C THR A 99 -15.05 11.31 -29.81
N SER A 100 -13.83 11.61 -30.26
CA SER A 100 -13.31 11.09 -31.52
C SER A 100 -11.84 10.70 -31.36
N GLY A 101 -11.47 9.57 -31.97
CA GLY A 101 -10.10 9.11 -31.87
C GLY A 101 -9.98 7.71 -31.32
N THR A 102 -8.95 7.48 -30.51
CA THR A 102 -8.71 6.17 -29.91
C THR A 102 -9.18 6.21 -28.46
N PRO A 103 -10.13 5.35 -28.10
CA PRO A 103 -10.63 5.34 -26.73
C PRO A 103 -9.67 4.71 -25.74
N PHE A 104 -9.86 5.04 -24.47
CA PHE A 104 -9.07 4.46 -23.38
C PHE A 104 -9.97 4.53 -22.18
N ASN A 105 -9.78 3.63 -21.23
CA ASN A 105 -10.60 3.68 -20.03
C ASN A 105 -9.90 2.98 -18.89
N LEU A 106 -10.09 3.52 -17.69
CA LEU A 106 -9.49 2.94 -16.50
C LEU A 106 -10.57 2.75 -15.44
N PRO A 107 -11.13 1.55 -15.36
CA PRO A 107 -12.16 1.26 -14.36
C PRO A 107 -11.40 0.78 -13.14
N ILE A 108 -11.94 1.04 -11.95
CA ILE A 108 -11.28 0.64 -10.73
C ILE A 108 -12.22 -0.23 -9.90
N GLU A 109 -11.79 -1.43 -9.57
CA GLU A 109 -12.61 -2.32 -8.75
C GLU A 109 -12.35 -2.04 -7.28
N ASN A 110 -11.10 -1.74 -6.95
CA ASN A 110 -10.73 -1.45 -5.58
C ASN A 110 -9.59 -0.44 -5.54
N GLY A 111 -9.78 0.63 -4.78
CA GLY A 111 -8.75 1.64 -4.69
C GLY A 111 -9.30 3.01 -5.04
N LEU A 112 -8.43 4.02 -5.00
CA LEU A 112 -8.83 5.40 -5.26
C LEU A 112 -7.82 6.17 -6.10
N ILE A 113 -8.31 7.12 -6.87
CA ILE A 113 -7.42 7.99 -7.64
C ILE A 113 -7.08 9.07 -6.61
N VAL A 114 -5.78 9.31 -6.42
CA VAL A 114 -5.34 10.29 -5.42
C VAL A 114 -4.39 11.36 -5.95
N GLY A 115 -4.26 11.43 -7.27
CA GLY A 115 -3.36 12.43 -7.83
C GLY A 115 -3.31 12.34 -9.33
N PHE A 116 -2.85 13.42 -9.96
CA PHE A 116 -2.74 13.50 -11.42
C PHE A 116 -1.40 14.11 -11.77
N LYS A 117 -0.87 13.70 -12.93
CA LYS A 117 0.35 14.26 -13.49
C LYS A 117 0.13 14.20 -15.00
N GLY A 118 0.87 15.00 -15.74
CA GLY A 118 0.70 15.00 -17.18
C GLY A 118 1.42 16.15 -17.84
N SER A 119 0.88 16.62 -18.95
CA SER A 119 1.48 17.72 -19.70
C SER A 119 0.39 18.44 -20.48
N ILE A 120 0.46 19.77 -20.51
CA ILE A 120 -0.50 20.59 -21.23
C ILE A 120 0.24 21.64 -22.06
N GLY A 121 -0.07 21.70 -23.35
CA GLY A 121 0.52 22.69 -24.23
C GLY A 121 -0.71 23.49 -24.66
N TYR A 122 -1.07 23.41 -25.92
CA TYR A 122 -2.29 24.09 -26.34
C TYR A 122 -3.40 23.27 -25.66
N TRP A 123 -3.18 21.96 -25.63
CA TRP A 123 -4.15 21.03 -25.05
C TRP A 123 -3.47 20.01 -24.15
N LEU A 124 -4.28 19.23 -23.44
CA LEU A 124 -3.77 18.18 -22.56
C LEU A 124 -3.09 17.14 -23.45
N ASP A 125 -1.77 17.03 -23.35
CA ASP A 125 -1.00 16.10 -24.17
C ASP A 125 -1.15 14.66 -23.73
N TYR A 126 -1.09 14.46 -22.43
CA TYR A 126 -1.23 13.13 -21.85
C TYR A 126 -1.33 13.31 -20.35
N PHE A 127 -1.72 12.24 -19.66
CA PHE A 127 -1.82 12.31 -18.22
C PHE A 127 -1.77 10.92 -17.61
N SER A 128 -1.39 10.88 -16.33
CA SER A 128 -1.31 9.64 -15.58
C SER A 128 -2.02 9.86 -14.26
N MET A 129 -2.38 8.79 -13.58
CA MET A 129 -3.07 8.91 -12.31
C MET A 129 -2.43 8.08 -11.22
N TYR A 130 -2.39 8.65 -10.01
CA TYR A 130 -1.84 7.96 -8.84
C TYR A 130 -2.99 7.17 -8.22
N LEU A 131 -2.72 5.92 -7.87
CA LEU A 131 -3.74 5.06 -7.27
C LEU A 131 -3.27 4.59 -5.90
N SER A 132 -4.22 4.47 -4.98
CA SER A 132 -3.88 4.02 -3.63
C SER A 132 -5.12 3.46 -2.93
N LEU A 133 -4.89 2.76 -1.83
CA LEU A 133 -5.99 2.23 -1.03
C LEU A 133 -6.32 3.32 -0.02
N SER B 1 15.24 5.79 -0.77
CA SER B 1 15.17 7.12 -0.11
C SER B 1 13.96 7.30 0.80
N GLY B 2 13.88 8.50 1.37
CA GLY B 2 12.81 8.83 2.28
C GLY B 2 11.56 9.40 1.65
N ILE B 3 11.40 9.20 0.34
CA ILE B 3 10.20 9.69 -0.33
C ILE B 3 9.25 8.53 -0.50
N SER B 4 8.02 8.70 -0.01
CA SER B 4 7.01 7.66 -0.11
C SER B 4 6.52 7.51 -1.55
N GLN B 5 6.27 6.25 -1.92
CA GLN B 5 5.81 5.85 -3.26
C GLN B 5 4.33 5.52 -3.34
N THR B 6 3.81 5.58 -4.55
CA THR B 6 2.42 5.31 -4.79
C THR B 6 2.31 4.68 -6.18
N VAL B 7 1.33 3.82 -6.40
CA VAL B 7 1.20 3.24 -7.74
C VAL B 7 0.76 4.34 -8.69
N ILE B 8 1.29 4.33 -9.91
CA ILE B 8 0.92 5.33 -10.90
C ILE B 8 0.65 4.62 -12.23
N VAL B 9 -0.51 4.86 -12.83
CA VAL B 9 -0.86 4.25 -14.11
C VAL B 9 -0.96 5.32 -15.20
N GLY B 10 -0.47 4.96 -16.38
CA GLY B 10 -0.44 5.87 -17.53
C GLY B 10 0.98 5.87 -18.07
N PRO B 11 1.33 6.78 -19.02
CA PRO B 11 0.22 7.61 -19.47
C PRO B 11 -0.55 7.26 -20.71
N TRP B 12 -1.61 8.05 -20.82
CA TRP B 12 -2.57 8.02 -21.90
C TRP B 12 -2.49 9.35 -22.63
N GLY B 13 -2.33 9.27 -23.95
CA GLY B 13 -2.24 10.47 -24.75
C GLY B 13 -1.10 10.30 -25.73
N ALA B 14 -0.34 11.37 -25.97
CA ALA B 14 0.80 11.34 -26.89
C ALA B 14 2.02 10.83 -26.14
N LYS B 15 3.09 10.41 -26.79
CA LYS B 15 4.09 9.93 -25.89
C LYS B 15 5.32 10.59 -25.44
N GLY C 1 -19.51 -17.26 -18.60
CA GLY C 1 -18.42 -18.20 -18.34
C GLY C 1 -18.26 -18.51 -16.87
N LYS C 2 -17.06 -18.94 -16.49
CA LYS C 2 -16.77 -19.25 -15.11
C LYS C 2 -15.79 -18.23 -14.55
N ALA C 3 -16.19 -17.53 -13.51
CA ALA C 3 -15.33 -16.52 -12.91
C ALA C 3 -14.15 -17.15 -12.17
N PHE C 4 -13.04 -16.43 -12.13
CA PHE C 4 -11.86 -16.87 -11.41
C PHE C 4 -11.23 -15.67 -10.74
N ASP C 5 -10.50 -15.93 -9.66
CA ASP C 5 -9.84 -14.86 -8.92
C ASP C 5 -8.59 -15.45 -8.27
N ASP C 6 -7.43 -15.21 -8.87
CA ASP C 6 -6.18 -15.76 -8.33
C ASP C 6 -5.76 -15.08 -7.03
N GLY C 7 -6.08 -13.81 -6.90
CA GLY C 7 -5.69 -13.07 -5.72
C GLY C 7 -4.36 -12.38 -5.98
N ALA C 8 -3.74 -11.89 -4.91
CA ALA C 8 -2.47 -11.17 -5.04
C ALA C 8 -1.24 -11.99 -4.60
N PHE C 9 -0.15 -11.83 -5.32
CA PHE C 9 1.08 -12.53 -5.03
C PHE C 9 2.27 -11.56 -4.95
N THR C 10 3.49 -12.10 -5.04
CA THR C 10 4.71 -11.29 -4.94
C THR C 10 5.20 -10.75 -6.28
N GLY C 11 4.79 -11.40 -7.35
CA GLY C 11 5.21 -11.00 -8.68
C GLY C 11 4.76 -12.04 -9.69
N ILE C 12 5.23 -11.90 -10.92
CA ILE C 12 4.85 -12.83 -11.98
C ILE C 12 6.11 -13.43 -12.60
N ARG C 13 6.12 -14.75 -12.71
CA ARG C 13 7.26 -15.45 -13.30
C ARG C 13 6.99 -15.92 -14.72
N GLU C 14 5.76 -16.38 -14.97
CA GLU C 14 5.42 -16.89 -16.28
C GLU C 14 3.93 -16.82 -16.53
N ILE C 15 3.57 -16.62 -17.79
CA ILE C 15 2.16 -16.56 -18.18
C ILE C 15 1.93 -17.55 -19.31
N ASN C 16 0.93 -18.42 -19.13
CA ASN C 16 0.59 -19.41 -20.13
C ASN C 16 -0.82 -19.13 -20.61
N LEU C 17 -0.95 -18.78 -21.88
CA LEU C 17 -2.26 -18.51 -22.42
C LEU C 17 -2.42 -19.23 -23.74
N SER C 18 -3.64 -19.29 -24.23
CA SER C 18 -3.90 -19.92 -25.52
C SER C 18 -4.85 -19.00 -26.27
N TYR C 19 -4.84 -19.11 -27.60
CA TYR C 19 -5.71 -18.27 -28.41
C TYR C 19 -5.99 -18.96 -29.74
N ASN C 20 -6.86 -18.32 -30.52
CA ASN C 20 -7.24 -18.82 -31.84
C ASN C 20 -7.24 -17.58 -32.72
N LYS C 21 -6.43 -17.59 -33.77
CA LYS C 21 -6.32 -16.45 -34.69
C LYS C 21 -7.61 -16.04 -35.38
N GLU C 22 -8.69 -16.77 -35.15
CA GLU C 22 -9.96 -16.45 -35.77
C GLU C 22 -11.01 -16.01 -34.76
N THR C 23 -10.78 -16.30 -33.49
CA THR C 23 -11.74 -15.94 -32.46
C THR C 23 -11.21 -15.00 -31.36
N ALA C 24 -10.73 -15.57 -30.27
CA ALA C 24 -10.24 -14.77 -29.16
C ALA C 24 -9.33 -15.57 -28.23
N ILE C 25 -9.05 -15.01 -27.07
CA ILE C 25 -8.20 -15.67 -26.08
C ILE C 25 -8.99 -16.80 -25.43
N GLY C 26 -8.32 -17.92 -25.19
CA GLY C 26 -8.99 -19.07 -24.58
C GLY C 26 -8.61 -19.40 -23.15
N ASP C 27 -7.47 -20.06 -22.96
CA ASP C 27 -7.03 -20.45 -21.63
C ASP C 27 -6.07 -19.42 -21.02
N PHE C 28 -5.96 -19.42 -19.69
CA PHE C 28 -5.09 -18.47 -19.01
C PHE C 28 -4.58 -19.05 -17.69
N GLN C 29 -3.27 -19.19 -17.57
CA GLN C 29 -2.64 -19.70 -16.36
C GLN C 29 -1.39 -18.88 -16.05
N VAL C 30 -1.21 -18.53 -14.79
CA VAL C 30 -0.07 -17.75 -14.40
C VAL C 30 0.79 -18.46 -13.37
N VAL C 31 2.10 -18.36 -13.52
CA VAL C 31 3.00 -18.93 -12.52
C VAL C 31 3.46 -17.67 -11.82
N TYR C 32 3.04 -17.51 -10.57
CA TYR C 32 3.41 -16.35 -9.79
C TYR C 32 4.65 -16.57 -8.96
N ASP C 33 5.18 -15.49 -8.42
CA ASP C 33 6.29 -15.61 -7.50
C ASP C 33 5.58 -15.42 -6.17
N LEU C 34 5.96 -16.21 -5.18
CA LEU C 34 5.38 -16.07 -3.84
C LEU C 34 6.55 -16.05 -2.88
N ASN C 35 6.94 -14.85 -2.48
CA ASN C 35 8.05 -14.67 -1.55
C ASN C 35 9.33 -15.36 -2.02
N GLY C 36 9.65 -15.19 -3.30
CA GLY C 36 10.87 -15.77 -3.86
C GLY C 36 10.77 -17.19 -4.41
N SER C 37 9.60 -17.79 -4.30
CA SER C 37 9.41 -19.16 -4.80
C SER C 37 8.27 -19.19 -5.80
N PRO C 38 8.36 -20.07 -6.82
CA PRO C 38 7.29 -20.15 -7.81
C PRO C 38 6.02 -20.70 -7.20
N TYR C 39 4.88 -20.19 -7.66
CA TYR C 39 3.58 -20.67 -7.22
C TYR C 39 2.78 -20.89 -8.48
N VAL C 40 2.42 -22.13 -8.75
CA VAL C 40 1.68 -22.45 -9.97
C VAL C 40 0.19 -22.19 -9.78
N GLY C 41 -0.31 -21.19 -10.49
CA GLY C 41 -1.73 -20.88 -10.39
C GLY C 41 -2.60 -21.89 -11.09
N GLN C 42 -3.90 -21.81 -10.83
CA GLN C 42 -4.86 -22.70 -11.47
C GLN C 42 -4.86 -22.36 -12.96
N ASN C 43 -5.10 -23.36 -13.80
CA ASN C 43 -5.18 -23.12 -15.24
C ASN C 43 -6.66 -22.91 -15.56
N HIS C 44 -7.03 -21.66 -15.81
CA HIS C 44 -8.40 -21.30 -16.12
C HIS C 44 -8.65 -21.64 -17.58
N LYS C 45 -9.41 -22.70 -17.81
CA LYS C 45 -9.65 -23.17 -19.16
C LYS C 45 -11.00 -22.87 -19.78
N SER C 46 -10.95 -22.73 -21.10
CA SER C 46 -12.12 -22.48 -21.91
C SER C 46 -13.01 -23.71 -21.89
N PHE C 47 -14.30 -23.51 -22.18
CA PHE C 47 -15.25 -24.62 -22.23
C PHE C 47 -15.00 -25.44 -23.49
N ILE C 48 -14.23 -24.91 -24.43
CA ILE C 48 -13.92 -25.63 -25.67
C ILE C 48 -12.41 -25.73 -25.81
N THR C 49 -11.95 -26.51 -26.79
CA THR C 49 -10.52 -26.66 -27.02
C THR C 49 -10.21 -26.43 -28.49
N GLY C 50 -8.92 -26.50 -28.83
CA GLY C 50 -8.49 -26.28 -30.20
C GLY C 50 -7.72 -24.97 -30.33
N PHE C 51 -7.24 -24.46 -29.21
CA PHE C 51 -6.48 -23.22 -29.15
C PHE C 51 -4.99 -23.46 -29.31
N THR C 52 -4.26 -22.40 -29.63
CA THR C 52 -2.81 -22.46 -29.78
C THR C 52 -2.19 -22.00 -28.47
N PRO C 53 -1.41 -22.87 -27.80
CA PRO C 53 -0.78 -22.49 -26.54
C PRO C 53 0.46 -21.61 -26.70
N VAL C 54 0.61 -20.68 -25.77
CA VAL C 54 1.76 -19.78 -25.77
C VAL C 54 2.31 -19.69 -24.36
N LYS C 55 3.63 -19.73 -24.24
CA LYS C 55 4.28 -19.61 -22.94
C LYS C 55 5.12 -18.35 -22.92
N ILE C 56 4.85 -17.47 -21.97
CA ILE C 56 5.61 -16.25 -21.82
C ILE C 56 6.42 -16.40 -20.53
N SER C 57 7.72 -16.68 -20.67
CA SER C 57 8.60 -16.86 -19.52
C SER C 57 9.43 -15.61 -19.30
N LEU C 58 9.23 -14.96 -18.16
CA LEU C 58 9.94 -13.73 -17.83
C LEU C 58 11.22 -13.97 -17.03
N ASP C 59 12.21 -13.11 -17.24
CA ASP C 59 13.45 -13.23 -16.49
C ASP C 59 13.18 -12.55 -15.16
N PHE C 60 12.34 -13.18 -14.36
CA PHE C 60 12.02 -12.69 -13.01
C PHE C 60 13.38 -12.73 -12.36
N PRO C 61 13.71 -11.74 -11.53
CA PRO C 61 13.25 -10.46 -10.94
C PRO C 61 13.42 -9.22 -11.81
N SER C 62 14.42 -9.28 -12.69
CA SER C 62 14.76 -8.15 -13.53
C SER C 62 13.74 -7.77 -14.60
N GLU C 63 12.99 -8.74 -15.12
CA GLU C 63 11.99 -8.43 -16.14
C GLU C 63 10.58 -8.42 -15.56
N TYR C 64 9.82 -7.37 -15.84
CA TYR C 64 8.46 -7.25 -15.34
C TYR C 64 7.59 -6.50 -16.34
N ILE C 65 6.30 -6.79 -16.33
CA ILE C 65 5.34 -6.18 -17.23
C ILE C 65 5.14 -4.70 -16.94
N MET C 66 5.24 -3.87 -18.00
CA MET C 66 5.07 -2.42 -17.86
C MET C 66 3.78 -1.95 -18.49
N GLU C 67 3.24 -2.75 -19.40
CA GLU C 67 2.00 -2.41 -20.07
C GLU C 67 1.27 -3.62 -20.61
N VAL C 68 -0.04 -3.61 -20.44
CA VAL C 68 -0.89 -4.68 -20.94
C VAL C 68 -1.89 -3.99 -21.85
N SER C 69 -2.02 -4.46 -23.07
CA SER C 69 -2.97 -3.87 -24.00
C SER C 69 -3.66 -4.98 -24.77
N GLY C 70 -4.75 -4.64 -25.44
CA GLY C 70 -5.46 -5.65 -26.19
C GLY C 70 -6.69 -5.10 -26.85
N TYR C 71 -7.56 -6.00 -27.29
CA TYR C 71 -8.80 -5.63 -27.95
C TYR C 71 -9.96 -6.45 -27.43
N THR C 72 -11.12 -5.80 -27.32
CA THR C 72 -12.32 -6.49 -26.90
C THR C 72 -13.29 -6.35 -28.08
N GLY C 73 -14.06 -7.38 -28.37
CA GLY C 73 -14.98 -7.32 -29.48
C GLY C 73 -15.95 -8.48 -29.43
N ASN C 74 -16.84 -8.57 -30.42
CA ASN C 74 -17.81 -9.66 -30.45
C ASN C 74 -17.38 -10.88 -31.22
N VAL C 75 -17.63 -12.03 -30.61
CA VAL C 75 -17.33 -13.30 -31.23
C VAL C 75 -18.59 -14.11 -30.98
N SER C 76 -19.29 -14.47 -32.03
CA SER C 76 -20.50 -15.27 -31.89
C SER C 76 -21.54 -14.63 -30.98
N GLY C 77 -21.56 -13.30 -30.93
CA GLY C 77 -22.54 -12.60 -30.11
C GLY C 77 -22.12 -12.22 -28.71
N TYR C 78 -20.95 -12.67 -28.28
CA TYR C 78 -20.45 -12.37 -26.94
C TYR C 78 -19.30 -11.39 -27.01
N VAL C 79 -19.28 -10.44 -26.08
CA VAL C 79 -18.19 -9.49 -26.03
C VAL C 79 -17.11 -10.20 -25.23
N VAL C 80 -15.93 -10.34 -25.83
CA VAL C 80 -14.81 -11.03 -25.19
C VAL C 80 -13.49 -10.33 -25.47
N VAL C 81 -12.42 -10.78 -24.82
CA VAL C 81 -11.09 -10.22 -25.02
C VAL C 81 -10.49 -10.99 -26.20
N ARG C 82 -10.40 -10.34 -27.35
CA ARG C 82 -9.89 -10.99 -28.55
C ARG C 82 -8.38 -11.03 -28.69
N SER C 83 -7.70 -10.08 -28.07
CA SER C 83 -6.26 -10.02 -28.19
C SER C 83 -5.61 -9.49 -26.92
N LEU C 84 -4.37 -9.92 -26.69
CA LEU C 84 -3.60 -9.49 -25.53
C LEU C 84 -2.13 -9.29 -25.94
N THR C 85 -1.52 -8.23 -25.41
CA THR C 85 -0.12 -7.93 -25.66
C THR C 85 0.52 -7.55 -24.33
N PHE C 86 1.65 -8.15 -24.01
CA PHE C 86 2.34 -7.80 -22.77
C PHE C 86 3.67 -7.17 -23.12
N LYS C 87 3.90 -5.96 -22.62
CA LYS C 87 5.14 -5.27 -22.87
C LYS C 87 5.93 -5.19 -21.57
N THR C 88 7.15 -5.73 -21.57
CA THR C 88 7.98 -5.68 -20.36
C THR C 88 9.11 -4.70 -20.61
N ASN C 89 9.97 -4.53 -19.60
CA ASN C 89 11.09 -3.61 -19.72
C ASN C 89 12.18 -4.18 -20.62
N LYS C 90 11.97 -5.39 -21.13
CA LYS C 90 12.94 -6.02 -22.00
C LYS C 90 12.42 -6.34 -23.40
N LYS C 91 11.18 -6.81 -23.49
CA LYS C 91 10.60 -7.15 -24.78
C LYS C 91 9.09 -6.99 -24.83
N THR C 92 8.54 -7.14 -26.04
CA THR C 92 7.10 -7.06 -26.23
C THR C 92 6.66 -8.44 -26.66
N TYR C 93 5.75 -9.03 -25.89
CA TYR C 93 5.22 -10.34 -26.21
C TYR C 93 3.84 -10.14 -26.73
N GLY C 94 3.64 -10.41 -28.01
CA GLY C 94 2.32 -10.23 -28.54
C GLY C 94 2.35 -9.46 -29.81
N PRO C 95 1.17 -9.24 -30.41
CA PRO C 95 -0.20 -9.60 -30.02
C PRO C 95 -0.65 -11.06 -30.27
N TYR C 96 -1.36 -11.64 -29.31
CA TYR C 96 -1.90 -12.99 -29.45
C TYR C 96 -3.40 -12.87 -29.61
N GLY C 97 -3.93 -13.53 -30.62
CA GLY C 97 -5.36 -13.45 -30.86
C GLY C 97 -5.66 -12.57 -32.06
N VAL C 98 -6.84 -11.97 -32.06
CA VAL C 98 -7.32 -11.13 -33.15
C VAL C 98 -7.30 -9.65 -32.75
N THR C 99 -6.50 -8.84 -33.43
CA THR C 99 -6.45 -7.41 -33.11
C THR C 99 -7.59 -6.64 -33.76
N SER C 100 -8.82 -6.99 -33.41
CA SER C 100 -10.00 -6.35 -33.96
C SER C 100 -11.00 -5.99 -32.87
N GLY C 101 -11.63 -4.82 -33.00
CA GLY C 101 -12.60 -4.40 -32.01
C GLY C 101 -12.23 -3.08 -31.36
N THR C 102 -12.46 -2.96 -30.06
CA THR C 102 -12.11 -1.72 -29.40
C THR C 102 -10.90 -1.94 -28.48
N PRO C 103 -9.86 -1.11 -28.66
CA PRO C 103 -8.65 -1.22 -27.87
C PRO C 103 -8.73 -0.78 -26.43
N PHE C 104 -7.79 -1.27 -25.63
CA PHE C 104 -7.70 -0.87 -24.23
C PHE C 104 -6.24 -1.05 -23.91
N ASN C 105 -5.74 -0.30 -22.95
CA ASN C 105 -4.35 -0.44 -22.56
C ASN C 105 -4.14 0.09 -21.16
N LEU C 106 -3.26 -0.59 -20.44
CA LEU C 106 -2.93 -0.19 -19.08
C LEU C 106 -1.42 -0.08 -18.93
N PRO C 107 -0.87 1.14 -19.10
CA PRO C 107 0.58 1.33 -18.94
C PRO C 107 0.78 1.62 -17.47
N ILE C 108 1.92 1.19 -16.94
CA ILE C 108 2.23 1.38 -15.54
C ILE C 108 3.52 2.17 -15.40
N GLU C 109 3.48 3.31 -14.71
CA GLU C 109 4.69 4.12 -14.50
C GLU C 109 5.41 3.65 -13.25
N ASN C 110 4.65 3.33 -12.21
CA ASN C 110 5.23 2.85 -10.96
C ASN C 110 4.31 1.81 -10.37
N GLY C 111 4.88 0.68 -9.99
CA GLY C 111 4.08 -0.40 -9.44
C GLY C 111 4.21 -1.69 -10.24
N LEU C 112 3.59 -2.74 -9.73
CA LEU C 112 3.64 -4.05 -10.37
C LEU C 112 2.29 -4.76 -10.44
N ILE C 113 2.12 -5.57 -11.47
CA ILE C 113 0.92 -6.38 -11.59
C ILE C 113 1.24 -7.61 -10.72
N VAL C 114 0.39 -7.90 -9.74
CA VAL C 114 0.64 -9.05 -8.85
C VAL C 114 -0.47 -10.08 -8.81
N GLY C 115 -1.40 -10.00 -9.74
CA GLY C 115 -2.49 -10.97 -9.75
C GLY C 115 -3.54 -10.69 -10.79
N PHE C 116 -4.34 -11.71 -11.10
CA PHE C 116 -5.40 -11.59 -12.09
C PHE C 116 -6.71 -12.21 -11.61
N LYS C 117 -7.81 -11.72 -12.16
CA LYS C 117 -9.14 -12.24 -11.88
C LYS C 117 -9.91 -11.98 -13.16
N GLY C 118 -10.99 -12.71 -13.38
CA GLY C 118 -11.77 -12.53 -14.59
C GLY C 118 -12.78 -13.64 -14.76
N SER C 119 -13.10 -13.95 -16.00
CA SER C 119 -14.06 -15.00 -16.32
C SER C 119 -13.77 -15.56 -17.70
N ILE C 120 -13.96 -16.86 -17.85
CA ILE C 120 -13.72 -17.50 -19.14
C ILE C 120 -14.82 -18.52 -19.41
N GLY C 121 -15.42 -18.43 -20.60
CA GLY C 121 -16.46 -19.36 -21.00
C GLY C 121 -15.87 -20.01 -22.24
N TYR C 122 -16.40 -19.71 -23.41
CA TYR C 122 -15.82 -20.25 -24.63
C TYR C 122 -14.49 -19.50 -24.77
N TRP C 123 -14.50 -18.22 -24.42
CA TRP C 123 -13.32 -17.37 -24.49
C TRP C 123 -13.18 -16.50 -23.25
N LEU C 124 -12.07 -15.79 -23.14
CA LEU C 124 -11.85 -14.90 -22.00
C LEU C 124 -12.87 -13.76 -22.09
N ASP C 125 -13.80 -13.73 -21.15
CA ASP C 125 -14.86 -12.72 -21.13
C ASP C 125 -14.40 -11.33 -20.69
N TYR C 126 -13.71 -11.29 -19.56
CA TYR C 126 -13.21 -10.04 -19.02
C TYR C 126 -12.13 -10.35 -18.00
N PHE C 127 -11.34 -9.34 -17.64
CA PHE C 127 -10.33 -9.56 -16.63
C PHE C 127 -9.95 -8.25 -15.96
N SER C 128 -9.36 -8.39 -14.78
CA SER C 128 -8.91 -7.26 -13.98
C SER C 128 -7.55 -7.65 -13.46
N MET C 129 -6.80 -6.67 -13.00
CA MET C 129 -5.47 -6.93 -12.48
C MET C 129 -5.23 -6.29 -11.12
N TYR C 130 -4.54 -7.03 -10.27
CA TYR C 130 -4.16 -6.54 -8.94
C TYR C 130 -2.86 -5.77 -9.12
N LEU C 131 -2.80 -4.57 -8.57
CA LEU C 131 -1.61 -3.74 -8.66
C LEU C 131 -1.04 -3.45 -7.28
N SER C 132 0.27 -3.46 -7.17
CA SER C 132 0.91 -3.20 -5.89
C SER C 132 2.33 -2.68 -6.06
N LEU C 133 2.89 -2.18 -4.96
CA LEU C 133 4.26 -1.69 -4.92
C LEU C 133 5.06 -2.88 -4.39
N SER D 1 -12.15 -6.27 8.74
CA SER D 1 -11.76 -7.60 8.23
C SER D 1 -10.29 -7.94 8.20
N GLY D 2 -10.02 -9.24 8.35
CA GLY D 2 -8.67 -9.77 8.40
C GLY D 2 -8.09 -10.19 7.06
N ILE D 3 -8.68 -9.75 5.96
CA ILE D 3 -8.15 -10.09 4.64
C ILE D 3 -7.45 -8.85 4.10
N SER D 4 -6.19 -9.03 3.73
CA SER D 4 -5.40 -7.96 3.16
C SER D 4 -5.98 -7.59 1.81
N GLN D 5 -5.91 -6.29 1.55
CA GLN D 5 -6.42 -5.66 0.33
C GLN D 5 -5.36 -5.20 -0.62
N THR D 6 -5.77 -5.04 -1.87
CA THR D 6 -4.88 -4.62 -2.94
C THR D 6 -5.67 -3.78 -3.93
N VAL D 7 -4.99 -2.87 -4.60
CA VAL D 7 -5.64 -2.06 -5.63
C VAL D 7 -5.96 -3.00 -6.79
N ILE D 8 -7.16 -2.88 -7.37
CA ILE D 8 -7.53 -3.73 -8.50
C ILE D 8 -8.12 -2.84 -9.57
N VAL D 9 -7.57 -2.92 -10.78
CA VAL D 9 -8.08 -2.12 -11.88
C VAL D 9 -8.72 -3.05 -12.91
N GLY D 10 -9.73 -2.54 -13.58
CA GLY D 10 -10.45 -3.33 -14.54
C GLY D 10 -11.89 -3.35 -14.04
N PRO D 11 -12.76 -4.16 -14.62
CA PRO D 11 -12.57 -5.10 -15.73
C PRO D 11 -12.64 -4.54 -17.14
N TRP D 12 -11.92 -5.20 -18.04
CA TRP D 12 -11.92 -4.88 -19.45
C TRP D 12 -12.52 -6.12 -20.09
N GLY D 13 -13.43 -5.91 -21.04
CA GLY D 13 -14.06 -7.04 -21.70
C GLY D 13 -15.56 -6.87 -21.61
N ALA D 14 -16.27 -7.98 -21.45
CA ALA D 14 -17.73 -7.95 -21.33
C ALA D 14 -18.16 -7.13 -20.11
N LYS D 15 -19.29 -6.44 -20.21
CA LYS D 15 -19.82 -5.66 -19.10
C LYS D 15 -20.12 -6.66 -17.99
N SER D 16 -19.69 -6.38 -16.76
CA SER D 16 -19.99 -7.33 -15.68
C SER D 16 -21.33 -7.04 -15.05
N ALA D 17 -21.65 -5.75 -14.91
CA ALA D 17 -22.88 -5.37 -14.26
C ALA D 17 -24.17 -4.66 -14.69
N GLY E 1 -5.70 14.96 27.79
CA GLY E 1 -4.98 15.84 26.82
C GLY E 1 -5.83 16.09 25.59
N LYS E 2 -5.34 16.96 24.71
CA LYS E 2 -6.03 17.30 23.48
C LYS E 2 -5.49 16.44 22.35
N ALA E 3 -6.34 15.64 21.73
CA ALA E 3 -5.91 14.77 20.65
C ALA E 3 -5.56 15.54 19.39
N PHE E 4 -4.60 15.01 18.62
CA PHE E 4 -4.23 15.62 17.35
C PHE E 4 -3.98 14.50 16.36
N ASP E 5 -4.09 14.81 15.08
CA ASP E 5 -3.89 13.81 14.05
C ASP E 5 -3.45 14.55 12.78
N ASP E 6 -2.15 14.52 12.49
CA ASP E 6 -1.65 15.20 11.31
C ASP E 6 -2.04 14.54 9.99
N GLY E 7 -2.25 13.22 10.01
CA GLY E 7 -2.58 12.53 8.79
C GLY E 7 -1.31 12.03 8.12
N ALA E 8 -1.41 11.58 6.87
CA ALA E 8 -0.26 11.05 6.15
C ALA E 8 0.28 11.97 5.06
N PHE E 9 1.60 11.97 4.91
CA PHE E 9 2.26 12.79 3.91
C PHE E 9 3.24 11.97 3.07
N THR E 10 4.19 12.64 2.42
CA THR E 10 5.18 11.97 1.55
C THR E 10 6.46 11.62 2.28
N GLY E 11 6.71 12.28 3.40
CA GLY E 11 7.92 12.04 4.16
C GLY E 11 8.07 13.06 5.27
N ILE E 12 9.23 13.04 5.91
CA ILE E 12 9.49 13.94 7.02
C ILE E 12 10.71 14.79 6.72
N ARG E 13 10.59 16.09 6.95
CA ARG E 13 11.72 16.96 6.69
C ARG E 13 12.36 17.49 7.95
N GLU E 14 11.56 17.76 8.97
CA GLU E 14 12.11 18.28 10.22
C GLU E 14 11.12 18.03 11.35
N ILE E 15 11.65 17.85 12.56
CA ILE E 15 10.81 17.62 13.71
C ILE E 15 11.22 18.63 14.77
N ASN E 16 10.23 19.33 15.30
CA ASN E 16 10.46 20.32 16.34
C ASN E 16 9.73 19.84 17.58
N LEU E 17 10.46 19.65 18.67
CA LEU E 17 9.84 19.21 19.89
C LEU E 17 10.47 19.94 21.06
N SER E 18 9.86 19.81 22.23
CA SER E 18 10.41 20.46 23.41
C SER E 18 10.32 19.48 24.54
N TYR E 19 11.16 19.68 25.55
CA TYR E 19 11.17 18.79 26.70
C TYR E 19 11.65 19.53 27.93
N ASN E 20 11.46 18.91 29.09
CA ASN E 20 11.90 19.45 30.34
C ASN E 20 12.65 18.31 31.03
N LYS E 21 13.91 18.54 31.36
CA LYS E 21 14.75 17.52 32.00
C LYS E 21 14.18 16.88 33.25
N GLU E 22 13.10 17.43 33.79
CA GLU E 22 12.52 16.88 35.01
C GLU E 22 11.12 16.28 34.83
N THR E 23 10.56 16.42 33.63
CA THR E 23 9.23 15.87 33.39
C THR E 23 9.16 14.97 32.16
N ALA E 24 8.74 15.55 31.04
CA ALA E 24 8.61 14.76 29.82
C ALA E 24 8.61 15.64 28.57
N ILE E 25 8.14 15.09 27.45
CA ILE E 25 8.05 15.82 26.20
C ILE E 25 6.84 16.75 26.29
N GLY E 26 7.00 17.98 25.79
CA GLY E 26 5.90 18.93 25.87
C GLY E 26 5.22 19.29 24.56
N ASP E 27 5.95 19.89 23.64
CA ASP E 27 5.38 20.28 22.35
C ASP E 27 5.87 19.38 21.22
N PHE E 28 5.12 19.36 20.12
CA PHE E 28 5.47 18.51 18.99
C PHE E 28 4.98 19.12 17.68
N GLN E 29 5.90 19.37 16.76
CA GLN E 29 5.54 19.94 15.46
C GLN E 29 6.40 19.30 14.38
N VAL E 30 5.78 18.85 13.31
CA VAL E 30 6.52 18.23 12.22
C VAL E 30 6.40 19.01 10.92
N VAL E 31 7.51 19.11 10.21
CA VAL E 31 7.51 19.74 8.90
C VAL E 31 7.63 18.53 7.99
N TYR E 32 6.56 18.23 7.28
CA TYR E 32 6.53 17.08 6.39
C TYR E 32 6.94 17.46 4.99
N ASP E 33 7.12 16.44 4.18
CA ASP E 33 7.37 16.67 2.78
C ASP E 33 6.01 16.33 2.20
N LEU E 34 5.57 17.11 1.23
CA LEU E 34 4.31 16.85 0.57
C LEU E 34 4.59 16.96 -0.91
N ASN E 35 4.86 15.81 -1.54
CA ASN E 35 5.13 15.75 -2.97
C ASN E 35 6.29 16.66 -3.40
N GLY E 36 7.37 16.63 -2.63
CA GLY E 36 8.54 17.43 -2.96
C GLY E 36 8.62 18.83 -2.39
N SER E 37 7.60 19.26 -1.67
CA SER E 37 7.60 20.59 -1.08
C SER E 37 7.35 20.49 0.42
N PRO E 38 7.91 21.42 1.21
CA PRO E 38 7.70 21.38 2.66
C PRO E 38 6.27 21.72 3.03
N TYR E 39 5.76 21.04 4.05
CA TYR E 39 4.42 21.31 4.56
C TYR E 39 4.59 21.44 6.07
N VAL E 40 4.37 22.65 6.57
CA VAL E 40 4.52 22.94 7.98
C VAL E 40 3.29 22.51 8.76
N GLY E 41 3.44 21.45 9.56
CA GLY E 41 2.31 20.96 10.33
C GLY E 41 1.90 21.85 11.49
N GLN E 42 0.76 21.58 12.13
CA GLN E 42 0.35 22.38 13.29
C GLN E 42 1.38 22.12 14.37
N ASN E 43 1.57 23.10 15.25
CA ASN E 43 2.47 22.94 16.36
C ASN E 43 1.55 22.50 17.51
N HIS E 44 1.68 21.24 17.92
CA HIS E 44 0.86 20.69 19.00
C HIS E 44 1.54 21.05 20.31
N LYS E 45 0.95 22.03 21.00
CA LYS E 45 1.53 22.53 22.23
C LYS E 45 0.91 22.08 23.53
N SER E 46 1.78 21.99 24.52
CA SER E 46 1.44 21.63 25.88
C SER E 46 0.51 22.69 26.47
N PHE E 47 -0.22 22.31 27.52
CA PHE E 47 -1.11 23.26 28.21
C PHE E 47 -0.26 24.22 29.03
N ILE E 48 0.99 23.85 29.29
CA ILE E 48 1.88 24.71 30.04
C ILE E 48 3.13 25.04 29.23
N THR E 49 3.96 25.93 29.76
CA THR E 49 5.18 26.32 29.08
C THR E 49 6.37 26.16 30.01
N GLY E 50 7.57 26.41 29.49
CA GLY E 50 8.77 26.26 30.29
C GLY E 50 9.61 25.10 29.81
N PHE E 51 9.45 24.73 28.54
CA PHE E 51 10.18 23.63 27.93
C PHE E 51 11.36 24.10 27.09
N THR E 52 12.30 23.20 26.85
CA THR E 52 13.48 23.50 26.05
C THR E 52 13.21 22.98 24.63
N PRO E 53 13.21 23.88 23.64
CA PRO E 53 12.96 23.53 22.24
C PRO E 53 14.15 22.87 21.56
N VAL E 54 13.86 21.91 20.68
CA VAL E 54 14.88 21.21 19.93
C VAL E 54 14.41 21.09 18.49
N LYS E 55 15.32 21.29 17.54
CA LYS E 55 14.96 21.17 16.14
C LYS E 55 15.79 20.04 15.54
N ILE E 56 15.12 19.08 14.90
CA ILE E 56 15.78 17.97 14.26
C ILE E 56 15.58 18.14 12.76
N SER E 57 16.62 18.61 12.08
CA SER E 57 16.54 18.84 10.65
C SER E 57 17.21 17.70 9.91
N LEU E 58 16.42 16.98 9.11
CA LEU E 58 16.93 15.85 8.35
C LEU E 58 17.28 16.24 6.93
N ASP E 59 18.26 15.58 6.35
CA ASP E 59 18.63 15.89 4.96
C ASP E 59 17.69 15.11 4.07
N PHE E 60 16.45 15.55 4.08
CA PHE E 60 15.41 14.88 3.34
C PHE E 60 15.80 14.80 1.86
N PRO E 61 15.57 13.63 1.12
CA PRO E 61 15.07 12.39 0.66
C PRO E 61 16.20 11.43 0.79
N SER E 62 17.67 11.85 0.98
CA SER E 62 18.71 10.92 1.46
C SER E 62 18.65 10.46 2.91
N GLU E 63 18.22 11.32 3.83
CA GLU E 63 18.14 10.91 5.24
C GLU E 63 16.69 10.65 5.67
N TYR E 64 16.50 9.54 6.39
CA TYR E 64 15.17 9.18 6.87
C TYR E 64 15.25 8.36 8.15
N ILE E 65 14.19 8.43 8.96
CA ILE E 65 14.16 7.73 10.23
C ILE E 65 14.01 6.22 10.04
N MET E 66 14.81 5.45 10.78
CA MET E 66 14.78 4.00 10.71
C MET E 66 14.27 3.38 12.00
N GLU E 67 14.35 4.14 13.09
CA GLU E 67 13.89 3.65 14.37
C GLU E 67 13.53 4.79 15.30
N VAL E 68 12.42 4.63 16.00
CA VAL E 68 11.96 5.60 16.97
C VAL E 68 11.96 4.85 18.28
N SER E 69 12.57 5.41 19.31
CA SER E 69 12.58 4.76 20.61
C SER E 69 12.38 5.83 21.67
N GLY E 70 12.16 5.39 22.90
CA GLY E 70 11.97 6.35 23.98
C GLY E 70 11.53 5.65 25.24
N TYR E 71 10.97 6.42 26.15
CA TYR E 71 10.50 5.93 27.43
C TYR E 71 9.14 6.51 27.80
N THR E 72 8.26 5.67 28.34
CA THR E 72 6.98 6.15 28.80
C THR E 72 7.03 5.95 30.31
N GLY E 73 6.35 6.79 31.07
CA GLY E 73 6.36 6.66 32.53
C GLY E 73 5.43 7.67 33.18
N ASN E 74 5.28 7.60 34.50
CA ASN E 74 4.39 8.54 35.20
C ASN E 74 5.09 9.81 35.53
N VAL E 75 4.30 10.87 35.41
CA VAL E 75 4.70 12.20 35.78
C VAL E 75 3.46 12.80 36.39
N SER E 76 3.55 13.13 37.66
CA SER E 76 2.44 13.76 38.35
C SER E 76 1.12 12.99 38.23
N GLY E 77 1.20 11.66 38.28
CA GLY E 77 -0.01 10.85 38.21
C GLY E 77 -0.50 10.47 36.82
N TYR E 78 0.25 10.83 35.78
CA TYR E 78 -0.14 10.49 34.41
C TYR E 78 0.94 9.73 33.67
N VAL E 79 0.53 8.79 32.81
CA VAL E 79 1.49 8.06 31.99
C VAL E 79 1.72 8.96 30.80
N VAL E 80 2.96 9.27 30.50
CA VAL E 80 3.27 10.14 29.38
C VAL E 80 4.56 9.68 28.71
N VAL E 81 4.88 10.28 27.58
CA VAL E 81 6.11 9.94 26.88
C VAL E 81 7.15 10.87 27.48
N ARG E 82 8.12 10.31 28.17
CA ARG E 82 9.13 11.10 28.85
C ARG E 82 10.37 11.39 28.03
N SER E 83 10.64 10.53 27.05
CA SER E 83 11.83 10.69 26.22
C SER E 83 11.60 10.14 24.83
N LEU E 84 12.26 10.73 23.85
CA LEU E 84 12.17 10.22 22.51
C LEU E 84 13.57 10.29 21.89
N THR E 85 13.86 9.33 21.02
CA THR E 85 15.12 9.23 20.32
C THR E 85 14.81 8.86 18.87
N PHE E 86 15.47 9.53 17.93
CA PHE E 86 15.24 9.27 16.51
C PHE E 86 16.53 8.82 15.84
N LYS E 87 16.54 7.58 15.34
CA LYS E 87 17.70 7.04 14.67
C LYS E 87 17.47 7.00 13.16
N THR E 88 18.33 7.68 12.40
CA THR E 88 18.20 7.67 10.94
C THR E 88 19.31 6.83 10.32
N ASN E 89 19.34 6.77 9.01
CA ASN E 89 20.36 6.00 8.30
C ASN E 89 21.70 6.73 8.34
N LYS E 90 21.70 7.92 8.92
CA LYS E 90 22.92 8.73 8.99
C LYS E 90 23.37 9.07 10.41
N LYS E 91 22.42 9.30 11.30
CA LYS E 91 22.78 9.70 12.65
C LYS E 91 21.69 9.42 13.67
N THR E 92 22.07 9.51 14.95
CA THR E 92 21.12 9.31 16.03
C THR E 92 20.86 10.67 16.67
N TYR E 93 19.59 11.03 16.77
CA TYR E 93 19.21 12.31 17.37
C TYR E 93 18.56 12.04 18.70
N GLY E 94 19.23 12.39 19.79
CA GLY E 94 18.62 12.17 21.08
C GLY E 94 19.52 11.42 22.02
N PRO E 95 18.97 10.96 23.15
CA PRO E 95 17.61 11.07 23.69
C PRO E 95 17.22 12.47 24.17
N TYR E 96 15.98 12.86 23.94
CA TYR E 96 15.48 14.17 24.38
C TYR E 96 14.46 13.93 25.47
N GLY E 97 14.69 14.51 26.64
CA GLY E 97 13.75 14.32 27.73
C GLY E 97 14.40 13.54 28.86
N VAL E 98 13.59 12.76 29.58
CA VAL E 98 14.09 11.96 30.70
C VAL E 98 14.04 10.48 30.35
N THR E 99 15.19 9.83 30.38
CA THR E 99 15.26 8.40 30.06
C THR E 99 14.95 7.58 31.31
N SER E 100 13.71 7.69 31.77
CA SER E 100 13.25 6.97 32.95
C SER E 100 11.86 6.39 32.69
N GLY E 101 11.64 5.17 33.17
CA GLY E 101 10.35 4.53 32.98
C GLY E 101 10.50 3.25 32.18
N THR E 102 9.56 3.00 31.29
CA THR E 102 9.60 1.80 30.46
C THR E 102 10.02 2.12 29.04
N PRO E 103 11.10 1.50 28.55
CA PRO E 103 11.53 1.79 27.18
C PRO E 103 10.60 1.17 26.15
N PHE E 104 10.60 1.74 24.95
CA PHE E 104 9.80 1.23 23.85
C PHE E 104 10.55 1.57 22.59
N ASN E 105 10.33 0.81 21.54
CA ASN E 105 11.00 1.13 20.28
C ASN E 105 10.29 0.51 19.10
N LEU E 106 10.34 1.24 18.01
CA LEU E 106 9.74 0.80 16.77
C LEU E 106 10.82 0.86 15.71
N PRO E 107 11.48 -0.30 15.45
CA PRO E 107 12.52 -0.34 14.43
C PRO E 107 11.79 -0.62 13.14
N ILE E 108 12.28 -0.07 12.03
CA ILE E 108 11.64 -0.30 10.75
C ILE E 108 12.64 -0.92 9.79
N GLU E 109 12.35 -2.12 9.29
CA GLU E 109 13.26 -2.78 8.37
C GLU E 109 12.96 -2.29 6.96
N ASN E 110 11.68 -2.11 6.64
CA ASN E 110 11.29 -1.63 5.32
C ASN E 110 10.05 -0.76 5.47
N GLY E 111 10.12 0.45 4.90
CA GLY E 111 9.00 1.35 5.00
C GLY E 111 9.43 2.70 5.55
N LEU E 112 8.50 3.63 5.60
CA LEU E 112 8.77 4.99 6.07
C LEU E 112 7.67 5.52 7.01
N ILE E 113 8.07 6.38 7.94
CA ILE E 113 7.12 7.03 8.82
C ILE E 113 6.63 8.23 8.00
N VAL E 114 5.32 8.38 7.83
CA VAL E 114 4.81 9.49 7.03
C VAL E 114 3.74 10.34 7.71
N GLY E 115 3.62 10.20 9.02
CA GLY E 115 2.64 10.99 9.75
C GLY E 115 2.58 10.60 11.21
N PHE E 116 2.08 11.52 12.03
CA PHE E 116 1.94 11.30 13.46
C PHE E 116 0.56 11.71 13.96
N LYS E 117 0.14 11.11 15.06
CA LYS E 117 -1.11 11.45 15.71
C LYS E 117 -0.86 11.15 17.17
N GLY E 118 -1.66 11.73 18.05
CA GLY E 118 -1.45 11.49 19.46
C GLY E 118 -2.31 12.41 20.31
N SER E 119 -1.76 12.81 21.44
CA SER E 119 -2.47 13.68 22.37
C SER E 119 -1.47 14.33 23.31
N ILE E 120 -1.70 15.61 23.60
CA ILE E 120 -0.82 16.34 24.50
C ILE E 120 -1.66 17.12 25.51
N GLY E 121 -1.35 16.97 26.79
CA GLY E 121 -2.03 17.71 27.83
C GLY E 121 -0.91 18.57 28.40
N TYR E 122 -0.47 18.26 29.61
CA TYR E 122 0.67 18.97 30.19
C TYR E 122 1.88 18.45 29.41
N TRP E 123 1.82 17.17 29.05
CA TRP E 123 2.90 16.53 28.30
C TRP E 123 2.33 15.62 27.23
N LEU E 124 3.20 15.08 26.39
CA LEU E 124 2.78 14.17 25.34
C LEU E 124 2.21 12.90 26.01
N ASP E 125 0.91 12.68 25.88
CA ASP E 125 0.24 11.52 26.48
C ASP E 125 0.59 10.20 25.80
N TYR E 126 0.47 10.21 24.48
CA TYR E 126 0.75 9.04 23.66
C TYR E 126 0.84 9.49 22.23
N PHE E 127 1.34 8.61 21.37
CA PHE E 127 1.44 8.93 19.96
C PHE E 127 1.48 7.66 19.13
N SER E 128 1.05 7.80 17.89
CA SER E 128 1.04 6.70 16.94
C SER E 128 1.70 7.22 15.67
N MET E 129 2.07 6.32 14.78
CA MET E 129 2.73 6.69 13.55
C MET E 129 2.14 6.02 12.32
N TYR E 130 2.03 6.81 11.26
CA TYR E 130 1.53 6.30 9.98
C TYR E 130 2.74 5.75 9.25
N LEU E 131 2.61 4.55 8.69
CA LEU E 131 3.71 3.91 7.98
C LEU E 131 3.32 3.63 6.54
N SER E 132 4.26 3.77 5.62
CA SER E 132 3.99 3.52 4.21
C SER E 132 5.25 3.16 3.47
N LEU E 133 5.10 2.71 2.22
CA LEU E 133 6.22 2.38 1.37
C LEU E 133 6.52 3.61 0.52
N SER F 1 -15.73 4.45 1.27
CA SER F 1 -15.29 5.88 1.12
C SER F 1 -14.12 6.21 0.27
N GLY F 2 -14.17 7.49 -0.08
CA GLY F 2 -13.16 8.16 -0.82
C GLY F 2 -11.99 8.70 -0.11
N ILE F 3 -11.74 8.17 1.06
CA ILE F 3 -10.57 8.61 1.84
C ILE F 3 -9.49 7.52 1.83
N SER F 4 -8.30 7.88 1.38
CA SER F 4 -7.18 6.96 1.30
C SER F 4 -6.76 6.55 2.72
N GLN F 5 -6.32 5.30 2.86
CA GLN F 5 -5.87 4.76 4.17
C GLN F 5 -4.41 4.42 4.11
N THR F 6 -3.86 4.27 5.30
CA THR F 6 -2.47 3.87 5.43
C THR F 6 -2.33 3.15 6.76
N VAL F 7 -1.30 2.31 6.86
CA VAL F 7 -1.05 1.58 8.09
C VAL F 7 -0.72 2.55 9.22
N ILE F 8 -1.26 2.27 10.40
CA ILE F 8 -0.99 3.10 11.56
C ILE F 8 -0.66 2.17 12.73
N VAL F 9 0.52 2.38 13.34
CA VAL F 9 0.94 1.57 14.48
C VAL F 9 0.99 2.46 15.73
N GLY F 10 0.66 1.88 16.88
CA GLY F 10 0.64 2.61 18.13
C GLY F 10 -0.75 2.51 18.73
N PRO F 11 -1.06 3.22 19.83
CA PRO F 11 -0.29 4.15 20.66
C PRO F 11 0.69 3.58 21.67
N TRP F 12 1.70 4.40 21.93
CA TRP F 12 2.70 4.12 22.94
C TRP F 12 2.45 5.28 23.88
N GLY F 13 2.31 4.99 25.17
CA GLY F 13 2.03 6.02 26.14
C GLY F 13 0.82 5.62 26.95
N ALA F 14 -0.02 6.58 27.30
CA ALA F 14 -1.21 6.30 28.08
C ALA F 14 -2.19 5.52 27.22
N LYS F 15 -2.90 4.57 27.83
CA LYS F 15 -3.90 3.78 27.13
C LYS F 15 -4.93 4.87 27.42
N GLY G 1 20.95 -18.54 16.55
CA GLY G 1 19.97 -19.57 16.12
C GLY G 1 19.81 -19.61 14.62
N LYS G 2 18.82 -20.35 14.16
CA LYS G 2 18.53 -20.49 12.73
C LYS G 2 17.44 -19.51 12.29
N ALA G 3 17.77 -18.63 11.36
CA ALA G 3 16.82 -17.63 10.87
C ALA G 3 15.78 -18.23 9.93
N PHE G 4 14.60 -17.61 9.93
CA PHE G 4 13.52 -18.05 9.05
C PHE G 4 12.87 -16.65 8.63
N ASP G 5 12.14 -16.80 7.52
CA ASP G 5 11.43 -15.67 6.92
C ASP G 5 10.30 -16.26 6.08
N ASP G 6 9.09 -16.26 6.62
CA ASP G 6 7.94 -16.82 5.91
C ASP G 6 7.49 -15.97 4.73
N GLY G 7 7.76 -14.67 4.79
CA GLY G 7 7.34 -13.79 3.72
C GLY G 7 5.98 -13.20 4.04
N ALA G 8 5.34 -12.58 3.05
CA ALA G 8 4.05 -11.95 3.26
C ALA G 8 2.90 -12.72 2.61
N PHE G 9 1.74 -12.68 3.26
CA PHE G 9 0.56 -13.36 2.77
C PHE G 9 -0.69 -12.50 2.81
N THR G 10 -1.86 -13.14 2.79
CA THR G 10 -3.14 -12.44 2.78
C THR G 10 -3.74 -12.25 4.17
N GLY G 11 -3.28 -13.03 5.14
CA GLY G 11 -3.81 -12.92 6.47
C GLY G 11 -3.29 -14.07 7.32
N ILE G 12 -3.83 -14.21 8.53
CA ILE G 12 -3.39 -15.26 9.44
C ILE G 12 -4.57 -16.10 9.90
N ARG G 13 -4.46 -17.42 9.82
CA ARG G 13 -5.59 -18.23 10.27
C ARG G 13 -5.28 -18.96 11.57
N GLU G 14 -4.02 -19.32 11.77
CA GLU G 14 -3.67 -20.05 12.98
C GLU G 14 -2.20 -19.90 13.35
N ILE G 15 -1.93 -19.83 14.65
CA ILE G 15 -0.57 -19.71 15.13
C ILE G 15 -0.30 -20.88 16.08
N ASN G 16 0.77 -21.63 15.80
CA ASN G 16 1.15 -22.77 16.62
C ASN G 16 2.52 -22.51 17.21
N LEU G 17 2.58 -22.30 18.52
CA LEU G 17 3.85 -22.04 19.18
C LEU G 17 4.01 -22.92 20.41
N SER G 18 5.22 -22.97 20.95
CA SER G 18 5.45 -23.76 22.15
C SER G 18 6.22 -22.89 23.12
N TYR G 19 6.06 -23.18 24.40
CA TYR G 19 6.73 -22.40 25.43
C TYR G 19 7.06 -23.28 26.63
N ASN G 20 7.90 -22.75 27.51
CA ASN G 20 8.29 -23.44 28.73
C ASN G 20 8.17 -22.40 29.83
N LYS G 21 7.32 -22.66 30.81
CA LYS G 21 7.09 -21.71 31.89
C LYS G 21 8.33 -21.38 32.73
N GLU G 22 9.46 -22.00 32.41
CA GLU G 22 10.70 -21.74 33.15
C GLU G 22 11.73 -21.03 32.29
N THR G 23 11.58 -21.09 30.97
CA THR G 23 12.55 -20.47 30.09
C THR G 23 11.99 -19.41 29.14
N ALA G 24 11.62 -19.83 27.93
CA ALA G 24 11.11 -18.90 26.94
C ALA G 24 10.30 -19.57 25.84
N ILE G 25 9.99 -18.81 24.80
CA ILE G 25 9.23 -19.34 23.67
C ILE G 25 10.13 -20.26 22.86
N GLY G 26 9.57 -21.38 22.40
CA GLY G 26 10.36 -22.32 21.63
C GLY G 26 9.99 -22.38 20.15
N ASP G 27 9.12 -23.32 19.80
CA ASP G 27 8.71 -23.51 18.41
C ASP G 27 7.74 -22.43 17.95
N PHE G 28 7.71 -22.17 16.64
CA PHE G 28 6.83 -21.16 16.08
C PHE G 28 6.43 -21.54 14.66
N GLN G 29 5.14 -21.65 14.42
CA GLN G 29 4.63 -22.03 13.10
C GLN G 29 3.35 -21.27 12.85
N VAL G 30 3.12 -20.89 11.59
CA VAL G 30 1.92 -20.16 11.26
C VAL G 30 1.20 -20.68 10.05
N VAL G 31 -0.12 -20.76 10.16
CA VAL G 31 -0.95 -21.15 9.03
C VAL G 31 -1.52 -19.82 8.55
N TYR G 32 -1.02 -19.34 7.42
CA TYR G 32 -1.48 -18.09 6.85
C TYR G 32 -2.64 -18.34 5.93
N ASP G 33 -3.21 -17.26 5.43
CA ASP G 33 -4.25 -17.38 4.44
C ASP G 33 -3.55 -16.90 3.18
N LEU G 34 -3.75 -17.60 2.08
CA LEU G 34 -3.18 -17.19 0.81
C LEU G 34 -4.37 -17.10 -0.12
N ASN G 35 -4.92 -15.90 -0.27
CA ASN G 35 -6.05 -15.65 -1.14
C ASN G 35 -7.21 -16.61 -0.97
N GLY G 36 -7.59 -16.86 0.28
CA GLY G 36 -8.72 -17.73 0.54
C GLY G 36 -8.38 -19.16 0.90
N SER G 37 -7.13 -19.55 0.69
CA SER G 37 -6.71 -20.91 1.01
C SER G 37 -5.71 -20.93 2.16
N PRO G 38 -5.84 -21.93 3.05
CA PRO G 38 -4.89 -22.00 4.16
C PRO G 38 -3.51 -22.30 3.59
N TYR G 39 -2.49 -21.61 4.08
CA TYR G 39 -1.14 -21.86 3.63
C TYR G 39 -0.39 -22.34 4.87
N VAL G 40 0.05 -23.59 4.84
CA VAL G 40 0.75 -24.18 5.98
C VAL G 40 2.22 -23.75 5.99
N GLY G 41 2.55 -22.82 6.87
CA GLY G 41 3.91 -22.35 6.95
C GLY G 41 4.83 -23.39 7.55
N GLN G 42 6.13 -23.27 7.26
CA GLN G 42 7.11 -24.22 7.78
C GLN G 42 7.17 -24.13 9.29
N ASN G 43 7.38 -25.26 9.95
CA ASN G 43 7.47 -25.27 11.40
C ASN G 43 8.90 -24.93 11.77
N HIS G 44 9.08 -23.78 12.39
CA HIS G 44 10.40 -23.34 12.82
C HIS G 44 10.57 -23.91 14.23
N LYS G 45 11.38 -24.96 14.37
CA LYS G 45 11.58 -25.59 15.69
C LYS G 45 12.82 -25.19 16.45
N SER G 46 12.72 -25.35 17.76
CA SER G 46 13.79 -25.09 18.69
C SER G 46 14.79 -26.25 18.54
N PHE G 47 16.03 -25.99 18.93
CA PHE G 47 17.07 -27.02 18.87
C PHE G 47 16.83 -28.05 19.97
N ILE G 48 16.02 -27.69 20.97
CA ILE G 48 15.74 -28.59 22.07
C ILE G 48 14.24 -28.90 22.18
N THR G 49 13.90 -29.82 23.07
CA THR G 49 12.53 -30.21 23.29
C THR G 49 12.11 -29.88 24.70
N GLY G 50 10.94 -30.34 25.12
CA GLY G 50 10.48 -30.08 26.47
C GLY G 50 9.50 -28.93 26.59
N PHE G 51 9.02 -28.45 25.45
CA PHE G 51 8.08 -27.32 25.41
C PHE G 51 6.62 -27.74 25.41
N THR G 52 5.76 -26.84 25.91
CA THR G 52 4.33 -27.09 25.94
C THR G 52 3.76 -26.42 24.69
N PRO G 53 3.06 -27.19 23.84
CA PRO G 53 2.49 -26.60 22.63
C PRO G 53 1.18 -25.86 22.85
N VAL G 54 0.94 -24.84 22.04
CA VAL G 54 -0.29 -24.05 22.11
C VAL G 54 -0.79 -23.80 20.69
N LYS G 55 -2.10 -23.90 20.50
CA LYS G 55 -2.68 -23.65 19.18
C LYS G 55 -3.65 -22.48 19.28
N ILE G 56 -3.36 -21.44 18.51
CA ILE G 56 -4.21 -20.25 18.49
C ILE G 56 -4.97 -20.26 17.18
N SER G 57 -6.22 -20.73 17.24
CA SER G 57 -7.07 -20.83 16.05
C SER G 57 -8.00 -19.63 15.97
N LEU G 58 -7.69 -18.72 15.04
CA LEU G 58 -8.48 -17.52 14.85
C LEU G 58 -9.67 -17.75 13.93
N ASP G 59 -10.74 -17.01 14.19
CA ASP G 59 -11.94 -17.11 13.38
C ASP G 59 -11.76 -16.22 12.15
N PHE G 60 -10.80 -16.57 11.31
CA PHE G 60 -10.49 -15.86 10.07
C PHE G 60 -11.75 -15.92 9.20
N PRO G 61 -12.18 -14.82 8.57
CA PRO G 61 -11.87 -13.40 8.33
C PRO G 61 -12.26 -12.38 9.40
N SER G 62 -13.26 -12.70 10.22
CA SER G 62 -13.74 -11.75 11.20
C SER G 62 -12.77 -11.43 12.34
N GLU G 63 -11.95 -12.40 12.74
CA GLU G 63 -11.00 -12.17 13.83
C GLU G 63 -9.58 -11.96 13.31
N TYR G 64 -8.92 -10.93 13.83
CA TYR G 64 -7.54 -10.61 13.44
C TYR G 64 -6.78 -9.97 14.60
N ILE G 65 -5.45 -10.13 14.60
CA ILE G 65 -4.60 -9.59 15.66
C ILE G 65 -4.52 -8.08 15.60
N MET G 66 -4.72 -7.45 16.76
CA MET G 66 -4.67 -6.00 16.86
C MET G 66 -3.48 -5.54 17.69
N GLU G 67 -2.89 -6.46 18.45
CA GLU G 67 -1.76 -6.12 19.27
C GLU G 67 -0.93 -7.34 19.63
N VAL G 68 0.37 -7.20 19.49
CA VAL G 68 1.30 -8.26 19.84
C VAL G 68 2.16 -7.68 20.96
N SER G 69 2.31 -8.42 22.05
CA SER G 69 3.15 -7.94 23.13
C SER G 69 3.88 -9.12 23.73
N GLY G 70 4.88 -8.82 24.54
CA GLY G 70 5.64 -9.89 25.16
C GLY G 70 6.72 -9.34 26.07
N TYR G 71 7.61 -10.23 26.50
CA TYR G 71 8.71 -9.85 27.36
C TYR G 71 10.00 -10.41 26.77
N THR G 72 11.06 -9.63 26.84
CA THR G 72 12.36 -10.10 26.36
C THR G 72 13.21 -10.16 27.62
N GLY G 73 14.04 -11.19 27.73
CA GLY G 73 14.89 -11.32 28.90
C GLY G 73 16.07 -12.23 28.66
N ASN G 74 16.90 -12.38 29.69
CA ASN G 74 18.08 -13.21 29.60
C ASN G 74 17.82 -14.62 30.10
N VAL G 75 18.10 -15.60 29.25
CA VAL G 75 17.92 -17.00 29.62
C VAL G 75 19.20 -17.74 29.25
N SER G 76 19.90 -18.21 30.28
CA SER G 76 21.15 -18.94 30.11
C SER G 76 22.22 -18.18 29.33
N GLY G 77 22.21 -16.86 29.47
CA GLY G 77 23.21 -16.04 28.79
C GLY G 77 22.76 -15.43 27.47
N TYR G 78 21.55 -15.76 27.05
CA TYR G 78 21.02 -15.25 25.79
C TYR G 78 19.80 -14.36 25.99
N VAL G 79 19.69 -13.34 25.15
CA VAL G 79 18.55 -12.44 25.17
C VAL G 79 17.55 -13.08 24.22
N VAL G 80 16.39 -13.47 24.74
CA VAL G 80 15.37 -14.11 23.92
C VAL G 80 13.98 -13.60 24.29
N VAL G 81 13.00 -14.00 23.48
CA VAL G 81 11.62 -13.62 23.72
C VAL G 81 11.11 -14.65 24.72
N ARG G 82 10.85 -14.21 25.95
CA ARG G 82 10.40 -15.12 27.00
C ARG G 82 8.91 -15.31 27.07
N SER G 83 8.16 -14.30 26.63
CA SER G 83 6.71 -14.36 26.68
C SER G 83 6.10 -13.69 25.46
N LEU G 84 4.89 -14.11 25.10
CA LEU G 84 4.18 -13.55 23.96
C LEU G 84 2.69 -13.55 24.27
N THR G 85 2.00 -12.49 23.85
CA THR G 85 0.55 -12.38 24.05
C THR G 85 -0.02 -11.82 22.76
N PHE G 86 -1.11 -12.41 22.27
CA PHE G 86 -1.75 -11.91 21.05
C PHE G 86 -3.16 -11.45 21.38
N LYS G 87 -3.47 -10.20 21.04
CA LYS G 87 -4.79 -9.68 21.28
C LYS G 87 -5.48 -9.46 19.95
N THR G 88 -6.70 -9.98 19.82
CA THR G 88 -7.46 -9.81 18.60
C THR G 88 -8.65 -8.93 18.93
N ASN G 89 -9.54 -8.74 17.96
CA ASN G 89 -10.72 -7.93 18.18
C ASN G 89 -11.79 -8.73 18.93
N LYS G 90 -11.52 -10.01 19.17
CA LYS G 90 -12.46 -10.86 19.88
C LYS G 90 -11.98 -11.42 21.21
N LYS G 91 -10.71 -11.78 21.29
CA LYS G 91 -10.17 -12.36 22.51
C LYS G 91 -8.71 -12.00 22.72
N THR G 92 -8.18 -12.40 23.88
CA THR G 92 -6.78 -12.16 24.22
C THR G 92 -6.16 -13.54 24.42
N TYR G 93 -5.15 -13.87 23.62
CA TYR G 93 -4.49 -15.16 23.75
C TYR G 93 -3.16 -15.07 24.46
N GLY G 94 -3.10 -15.67 25.64
CA GLY G 94 -1.85 -15.66 26.39
C GLY G 94 -1.99 -14.90 27.69
N PRO G 95 -0.88 -14.50 28.30
CA PRO G 95 0.55 -14.62 28.02
C PRO G 95 1.07 -16.06 28.03
N TYR G 96 1.92 -16.40 27.07
CA TYR G 96 2.50 -17.74 26.99
C TYR G 96 3.99 -17.57 27.26
N GLY G 97 4.51 -18.32 28.23
CA GLY G 97 5.91 -18.22 28.55
C GLY G 97 6.12 -17.60 29.91
N VAL G 98 7.26 -16.96 30.10
CA VAL G 98 7.59 -16.34 31.37
C VAL G 98 7.48 -14.83 31.29
N THR G 99 6.58 -14.27 32.08
CA THR G 99 6.36 -12.83 32.09
C THR G 99 7.40 -12.16 32.98
N SER G 100 8.65 -12.23 32.53
CA SER G 100 9.78 -11.66 33.24
C SER G 100 10.70 -10.97 32.25
N GLY G 101 11.23 -9.83 32.65
CA GLY G 101 12.14 -9.09 31.78
C GLY G 101 11.62 -7.71 31.45
N THR G 102 11.85 -7.31 30.21
CA THR G 102 11.46 -6.01 29.71
C THR G 102 10.31 -6.20 28.71
N PRO G 103 9.13 -5.63 28.99
CA PRO G 103 8.00 -5.79 28.08
C PRO G 103 8.11 -4.96 26.81
N PHE G 104 7.44 -5.43 25.75
CA PHE G 104 7.41 -4.73 24.48
C PHE G 104 6.02 -4.96 23.92
N ASN G 105 5.58 -4.10 23.00
CA ASN G 105 4.27 -4.30 22.42
C ASN G 105 4.11 -3.50 21.15
N LEU G 106 3.36 -4.06 20.22
CA LEU G 106 3.12 -3.42 18.94
C LEU G 106 1.62 -3.41 18.71
N PRO G 107 0.96 -2.29 19.02
CA PRO G 107 -0.48 -2.14 18.83
C PRO G 107 -0.64 -1.65 17.39
N ILE G 108 -1.72 -2.07 16.74
CA ILE G 108 -1.96 -1.64 15.36
C ILE G 108 -3.32 -0.94 15.32
N GLU G 109 -3.37 0.31 14.87
CA GLU G 109 -4.65 1.02 14.79
C GLU G 109 -5.32 0.72 13.46
N ASN G 110 -4.50 0.56 12.42
CA ASN G 110 -5.03 0.27 11.09
C ASN G 110 -4.00 -0.57 10.36
N GLY G 111 -4.45 -1.69 9.80
CA GLY G 111 -3.53 -2.56 9.09
C GLY G 111 -3.58 -3.96 9.65
N LEU G 112 -2.82 -4.85 9.01
CA LEU G 112 -2.80 -6.24 9.39
C LEU G 112 -1.39 -6.81 9.39
N ILE G 113 -1.17 -7.79 10.28
CA ILE G 113 0.09 -8.50 10.32
C ILE G 113 -0.13 -9.58 9.24
N VAL G 114 0.75 -9.65 8.26
CA VAL G 114 0.60 -10.63 7.19
C VAL G 114 1.79 -11.56 7.02
N GLY G 115 2.68 -11.58 7.99
CA GLY G 115 3.83 -12.45 7.87
C GLY G 115 4.79 -12.27 9.03
N PHE G 116 5.67 -13.26 9.20
CA PHE G 116 6.65 -13.22 10.28
C PHE G 116 8.03 -13.66 9.77
N LYS G 117 9.06 -13.17 10.44
CA LYS G 117 10.44 -13.54 10.17
C LYS G 117 11.13 -13.43 11.52
N GLY G 118 12.23 -14.15 11.70
CA GLY G 118 12.92 -14.09 12.97
C GLY G 118 14.01 -15.13 13.06
N SER G 119 14.28 -15.59 14.28
CA SER G 119 15.34 -16.59 14.49
C SER G 119 15.05 -17.42 15.73
N ILE G 120 15.41 -18.70 15.67
CA ILE G 120 15.21 -19.59 16.79
C ILE G 120 16.40 -20.51 17.00
N GLY G 121 16.89 -20.57 18.23
CA GLY G 121 18.00 -21.46 18.57
C GLY G 121 17.35 -22.37 19.59
N TYR G 122 17.77 -22.26 20.85
CA TYR G 122 17.15 -23.03 21.90
C TYR G 122 15.78 -22.38 22.08
N TRP G 123 15.75 -21.06 21.91
CA TRP G 123 14.53 -20.29 22.07
C TRP G 123 14.36 -19.24 20.97
N LEU G 124 13.22 -18.54 20.98
CA LEU G 124 12.96 -17.51 19.98
C LEU G 124 13.87 -16.32 20.29
N ASP G 125 14.88 -16.11 19.44
CA ASP G 125 15.85 -15.03 19.63
C ASP G 125 15.24 -13.66 19.39
N TYR G 126 14.56 -13.53 18.26
CA TYR G 126 13.94 -12.26 17.89
C TYR G 126 12.99 -12.48 16.73
N PHE G 127 12.16 -11.49 16.43
CA PHE G 127 11.25 -11.62 15.32
C PHE G 127 10.78 -10.26 14.82
N SER G 128 10.29 -10.26 13.58
CA SER G 128 9.77 -9.06 12.94
C SER G 128 8.44 -9.42 12.31
N MET G 129 7.70 -8.40 11.92
CA MET G 129 6.39 -8.64 11.31
C MET G 129 6.17 -7.80 10.06
N TYR G 130 5.57 -8.44 9.06
CA TYR G 130 5.22 -7.75 7.82
C TYR G 130 3.86 -7.14 8.09
N LEU G 131 3.65 -5.89 7.69
CA LEU G 131 2.38 -5.19 7.90
C LEU G 131 1.83 -4.74 6.54
N SER G 132 0.51 -4.73 6.41
CA SER G 132 -0.12 -4.32 5.16
C SER G 132 -1.59 -3.98 5.40
N LEU G 133 -2.19 -3.28 4.43
CA LEU G 133 -3.61 -2.96 4.50
C LEU G 133 -4.29 -4.15 3.83
N SER H 1 13.26 -5.62 -8.47
CA SER H 1 12.63 -4.32 -8.94
C SER H 1 11.16 -4.82 -9.35
N GLY H 2 11.10 -6.10 -9.66
CA GLY H 2 9.96 -6.83 -10.01
C GLY H 2 9.33 -7.61 -8.92
N ILE H 3 9.86 -7.43 -7.72
CA ILE H 3 9.29 -8.12 -6.53
C ILE H 3 8.52 -7.11 -5.69
N SER H 4 7.28 -7.45 -5.32
CA SER H 4 6.40 -6.59 -4.54
C SER H 4 7.00 -6.43 -3.15
N GLN H 5 6.87 -5.25 -2.55
CA GLN H 5 7.40 -5.05 -1.21
C GLN H 5 6.28 -4.86 -0.20
N THR H 6 6.69 -4.94 1.06
CA THR H 6 5.76 -4.85 2.16
C THR H 6 6.43 -4.13 3.33
N VAL H 7 5.66 -3.39 4.12
CA VAL H 7 6.20 -2.73 5.30
C VAL H 7 6.63 -3.84 6.28
N ILE H 8 7.81 -3.68 6.89
CA ILE H 8 8.32 -4.65 7.86
C ILE H 8 8.78 -3.90 9.10
N VAL H 9 8.27 -4.25 10.27
CA VAL H 9 8.69 -3.61 11.52
C VAL H 9 9.37 -4.64 12.42
N GLY H 10 10.31 -4.18 13.24
CA GLY H 10 11.02 -5.08 14.14
C GLY H 10 12.48 -5.12 13.77
N PRO H 11 13.33 -5.97 14.39
CA PRO H 11 13.29 -7.01 15.43
C PRO H 11 13.04 -6.54 16.84
N TRP H 12 12.46 -7.44 17.62
CA TRP H 12 12.22 -7.28 19.04
C TRP H 12 12.84 -8.57 19.56
N GLY H 13 13.60 -8.47 20.62
CA GLY H 13 14.27 -9.65 21.17
C GLY H 13 15.76 -9.38 21.13
N ALA H 14 16.56 -10.40 20.84
CA ALA H 14 18.00 -10.24 20.77
C ALA H 14 18.35 -9.21 19.70
N LYS H 15 19.25 -8.30 20.01
CA LYS H 15 19.63 -7.28 19.05
C LYS H 15 20.53 -7.88 17.93
O5 A2G I . 0.90 22.43 -27.86
C1 A2G I . 2.14 23.20 -28.15
O1 A2G I . 2.24 23.43 -29.55
C2 A2G I . 3.33 22.42 -27.61
N2 A2G I . 4.39 23.29 -27.91
C3 A2G I . 3.36 21.00 -28.17
O3 A2G I . 4.48 20.34 -27.65
C4 A2G I . 2.09 20.23 -27.72
O4 A2G I . 2.07 20.27 -26.28
C5 A2G I . 0.85 21.01 -28.34
C6 A2G I . -0.48 20.33 -27.98
O6 A2G I . -0.84 20.55 -26.62
C7 A2G I . 5.36 23.61 -27.02
O7 A2G I . 5.39 23.16 -25.86
C8 A2G I . 6.44 24.56 -27.47
C1 GAL I . 5.39 19.54 -28.44
C2 GAL I . 6.81 19.34 -27.90
C3 GAL I . 7.51 18.22 -28.64
C4 GAL I . 6.71 16.86 -28.47
C5 GAL I . 5.28 17.08 -29.08
C6 GAL I . 4.14 16.07 -29.22
O2 GAL I . 7.48 20.59 -28.02
O3 GAL I . 8.82 18.06 -28.10
O4 GAL I . 6.54 16.52 -27.09
O5 GAL I . 4.66 18.24 -28.37
O6 GAL I . 2.82 16.08 -29.74
O5 A2G J . -19.27 -18.48 -23.47
C1 A2G J . -20.52 -19.12 -22.94
O1 A2G J . -21.55 -18.95 -23.92
O1 A2G J . -20.06 -20.47 -23.16
C2 A2G J . -20.86 -18.47 -21.61
N2 A2G J . -22.03 -19.12 -21.21
C3 A2G J . -21.02 -16.99 -21.77
O3 A2G J . -21.36 -16.47 -20.50
C4 A2G J . -19.69 -16.33 -22.25
O4 A2G J . -18.69 -16.62 -21.26
C5 A2G J . -19.35 -16.98 -23.67
C6 A2G J . -18.06 -16.37 -24.24
O6 A2G J . -16.91 -16.83 -23.57
C7 A2G J . -22.21 -19.63 -19.99
O7 A2G J . -21.35 -19.58 -19.09
C8 A2G J . -23.56 -20.26 -19.69
C1 GAL J . -22.45 -15.57 -20.30
C2 GAL J . -23.00 -15.39 -18.89
C3 GAL J . -23.97 -14.18 -18.87
C4 GAL J . -23.20 -12.85 -19.27
C5 GAL J . -22.59 -13.08 -20.70
C6 GAL J . -21.76 -12.18 -21.58
O2 GAL J . -23.66 -16.58 -18.53
O3 GAL J . -24.49 -13.99 -17.55
O4 GAL J . -22.12 -12.55 -18.39
O5 GAL J . -21.78 -14.33 -20.72
O6 GAL J . -21.18 -12.30 -22.88
O5 A2G K . -2.26 16.71 31.44
C1 A2G K . -3.61 17.18 31.92
O1 A2G K . -3.65 17.04 33.34
O1 A2G K . -3.67 18.55 31.62
C2 A2G K . -4.71 16.41 31.15
N2 A2G K . -5.93 16.90 31.64
C3 A2G K . -4.53 14.93 31.29
O3 A2G K . -5.58 14.30 30.57
C4 A2G K . -3.17 14.46 30.75
O4 A2G K . -3.11 14.83 29.36
C5 A2G K . -2.04 15.20 31.58
C6 A2G K . -0.65 14.74 31.09
O6 A2G K . -0.26 15.36 29.89
C7 A2G K . -6.95 17.33 30.84
O7 A2G K . -6.89 17.33 29.60
C8 A2G K . -8.23 17.78 31.54
C1 GAL K . -6.35 13.21 31.09
C2 GAL K . -7.74 12.99 30.52
C3 GAL K . -8.29 11.63 30.98
C4 GAL K . -7.36 10.45 30.47
C5 GAL K . -5.92 10.71 31.06
C6 GAL K . -4.63 9.92 30.94
O2 GAL K . -8.55 14.07 30.96
O3 GAL K . -9.59 11.45 30.44
O4 GAL K . -7.27 10.43 29.04
O5 GAL K . -5.47 12.09 30.67
O6 GAL K . -3.31 10.03 31.44
O5 A2G L . 20.32 -20.94 21.36
C1 A2G L . 21.62 -21.50 20.85
O1 A2G L . 22.55 -21.48 21.96
C2 A2G L . 22.10 -20.65 19.67
N2 A2G L . 23.28 -21.28 19.22
C3 A2G L . 22.29 -19.22 20.11
O3 A2G L . 22.77 -18.47 19.03
C4 A2G L . 20.93 -18.64 20.58
O4 A2G L . 20.02 -18.69 19.46
C5 A2G L . 20.40 -19.49 21.79
C6 A2G L . 19.06 -18.93 22.29
O6 A2G L . 17.99 -19.28 21.42
C7 A2G L . 23.56 -21.42 17.87
O7 A2G L . 22.83 -20.98 16.98
C8 A2G L . 24.90 -22.05 17.49
C1 GAL L . 23.87 -17.52 19.17
C2 GAL L . 24.75 -17.24 17.97
C3 GAL L . 25.58 -15.96 18.15
C4 GAL L . 24.63 -14.71 18.38
C5 GAL L . 23.80 -15.03 19.68
C6 GAL L . 22.78 -14.24 20.46
O2 GAL L . 25.57 -18.39 17.77
O3 GAL L . 26.37 -15.75 16.98
O4 GAL L . 23.71 -14.52 17.29
O5 GAL L . 23.05 -16.33 19.43
O6 GAL L . 22.01 -14.49 21.63
#